data_4F74
#
_entry.id   4F74
#
_cell.length_a   50.675
_cell.length_b   58.240
_cell.length_c   61.600
_cell.angle_alpha   90.000
_cell.angle_beta   90.000
_cell.angle_gamma   90.000
#
_symmetry.space_group_name_H-M   'P 21 21 21'
#
loop_
_entity.id
_entity.type
_entity.pdbx_description
1 polymer Protease
2 polymer 'N terminal product of substrate MA-CA'
3 water water
#
loop_
_entity_poly.entity_id
_entity_poly.type
_entity_poly.pdbx_seq_one_letter_code
_entity_poly.pdbx_strand_id
1 'polypeptide(L)'
;PQITLWKRPLVTIRIGGQLKEALLDTGADDTVLEEMNLPGKWKPKMIGGIGGFIKVRQYDQIPVEICGHKAIGTVLVGPT
PVNIIGRNLLTQIGCTLNF
;
A,B
2 'polypeptide(L)' VSQNY C
#
# COMPACT_ATOMS: atom_id res chain seq x y z
N PRO A 1 -12.54 -13.99 -1.92
CA PRO A 1 -13.01 -13.31 -3.13
C PRO A 1 -11.89 -12.87 -4.06
N GLN A 2 -12.29 -12.44 -5.25
CA GLN A 2 -11.42 -11.69 -6.15
C GLN A 2 -11.83 -10.21 -6.15
N ILE A 3 -10.86 -9.35 -5.82
CA ILE A 3 -11.09 -7.92 -5.68
C ILE A 3 -10.27 -7.22 -6.76
N THR A 4 -11.00 -6.48 -7.60
CA THR A 4 -10.39 -5.63 -8.60
C THR A 4 -10.09 -4.30 -7.94
N LEU A 5 -9.43 -3.44 -8.68
CA LEU A 5 -8.77 -2.28 -8.08
C LEU A 5 -9.19 -0.94 -8.69
N TRP A 6 -10.30 -0.95 -9.41
CA TRP A 6 -10.87 0.28 -9.94
C TRP A 6 -11.35 1.17 -8.82
N LYS A 7 -11.69 0.56 -7.68
CA LYS A 7 -11.97 1.33 -6.49
C LYS A 7 -11.01 0.90 -5.39
N ARG A 8 -10.90 1.73 -4.34
CA ARG A 8 -10.09 1.38 -3.18
C ARG A 8 -10.56 0.04 -2.59
N PRO A 9 -9.62 -0.89 -2.34
CA PRO A 9 -9.98 -2.22 -1.80
C PRO A 9 -10.33 -2.17 -0.30
N LEU A 10 -11.46 -1.54 -0.01
CA LEU A 10 -11.96 -1.28 1.34
C LEU A 10 -12.85 -2.44 1.78
N VAL A 11 -12.64 -2.91 2.99
CA VAL A 11 -13.45 -4.02 3.51
C VAL A 11 -13.80 -3.74 4.98
N THR A 12 -14.80 -4.47 5.46
CA THR A 12 -15.18 -4.40 6.87
C THR A 12 -14.34 -5.44 7.61
N ILE A 13 -13.76 -4.99 8.71
CA ILE A 13 -13.06 -5.85 9.65
C ILE A 13 -13.83 -5.82 10.98
N ARG A 14 -13.66 -6.87 11.77
CA ARG A 14 -14.03 -6.85 13.18
C ARG A 14 -12.79 -6.98 14.05
N ILE A 15 -12.68 -6.09 15.03
CA ILE A 15 -11.53 -6.04 15.92
C ILE A 15 -12.03 -5.50 17.26
N GLY A 16 -11.61 -6.16 18.35
CA GLY A 16 -12.04 -5.80 19.70
C GLY A 16 -13.55 -5.72 19.88
N GLY A 17 -14.26 -6.57 19.15
CA GLY A 17 -15.73 -6.59 19.11
C GLY A 17 -16.42 -5.54 18.26
N GLN A 18 -15.65 -4.70 17.57
CA GLN A 18 -16.20 -3.56 16.83
C GLN A 18 -15.95 -3.66 15.33
N LEU A 19 -16.92 -3.22 14.54
CA LEU A 19 -16.76 -3.21 13.09
C LEU A 19 -16.07 -1.92 12.63
N LYS A 20 -15.12 -2.07 11.72
CA LYS A 20 -14.42 -0.94 11.11
C LYS A 20 -14.23 -1.22 9.62
N GLU A 21 -13.97 -0.16 8.85
CA GLU A 21 -13.56 -0.29 7.44
C GLU A 21 -12.06 -0.13 7.34
N ALA A 22 -11.43 -0.92 6.49
CA ALA A 22 -9.97 -0.93 6.36
C ALA A 22 -9.58 -1.20 4.92
N LEU A 23 -8.44 -0.63 4.53
CA LEU A 23 -7.92 -0.76 3.18
C LEU A 23 -6.93 -1.93 3.09
N LEU A 24 -7.24 -2.89 2.23
CA LEU A 24 -6.32 -3.99 1.90
C LEU A 24 -5.11 -3.44 1.11
N ASP A 25 -3.96 -3.46 1.78
CA ASP A 25 -2.80 -2.67 1.36
C ASP A 25 -1.53 -3.50 1.28
N THR A 26 -1.26 -4.01 0.09
CA THR A 26 -0.06 -4.80 -0.17
C THR A 26 1.27 -4.04 -0.05
N GLY A 27 1.18 -2.71 -0.04
CA GLY A 27 2.35 -1.84 0.12
C GLY A 27 2.73 -1.58 1.57
N ALA A 28 2.00 -2.16 2.51
CA ALA A 28 2.30 -2.00 3.93
C ALA A 28 2.82 -3.31 4.54
N ASP A 29 3.94 -3.21 5.24
CA ASP A 29 4.47 -4.34 5.98
C ASP A 29 3.50 -4.73 7.09
N ASP A 30 2.92 -3.71 7.72
CA ASP A 30 2.15 -3.86 8.94
C ASP A 30 0.74 -3.33 8.78
N THR A 31 -0.08 -3.66 9.78
CA THR A 31 -1.48 -3.30 9.87
C THR A 31 -1.55 -2.11 10.84
N VAL A 32 -2.03 -0.96 10.36
CA VAL A 32 -2.01 0.28 11.15
C VAL A 32 -3.44 0.82 11.15
N LEU A 33 -4.03 0.94 12.32
CA LEU A 33 -5.38 1.49 12.44
C LEU A 33 -5.35 2.88 13.07
N GLU A 34 -6.35 3.68 12.72
CA GLU A 34 -6.46 5.00 13.30
C GLU A 34 -6.71 4.83 14.81
N GLU A 35 -6.55 5.93 15.52
CA GLU A 35 -6.66 5.97 16.98
C GLU A 35 -7.87 5.21 17.50
N MET A 36 -7.65 4.28 18.42
CA MET A 36 -8.71 3.46 18.99
C MET A 36 -8.19 2.72 20.23
N ASN A 37 -9.13 2.32 21.08
CA ASN A 37 -8.81 1.49 22.24
C ASN A 37 -8.72 0.02 21.82
N LEU A 38 -7.66 -0.64 22.26
CA LEU A 38 -7.56 -2.08 22.14
C LEU A 38 -7.21 -2.65 23.52
N PRO A 39 -7.73 -3.85 23.85
CA PRO A 39 -7.34 -4.44 25.14
C PRO A 39 -5.89 -4.95 25.18
N GLY A 40 -5.34 -5.00 26.39
CA GLY A 40 -4.03 -5.60 26.62
C GLY A 40 -2.87 -4.65 26.56
N LYS A 41 -1.70 -5.24 26.78
CA LYS A 41 -0.42 -4.55 26.73
C LYS A 41 -0.11 -4.01 25.34
N TRP A 42 0.53 -2.84 25.31
CA TRP A 42 1.17 -2.32 24.10
C TRP A 42 2.56 -1.76 24.43
N LYS A 43 3.36 -1.58 23.38
CA LYS A 43 4.73 -1.06 23.46
C LYS A 43 4.83 0.06 22.43
N PRO A 44 5.53 1.17 22.74
CA PRO A 44 5.74 2.19 21.72
C PRO A 44 6.61 1.68 20.54
N LYS A 45 6.26 2.09 19.33
CA LYS A 45 7.01 1.72 18.13
C LYS A 45 6.99 2.92 17.17
N MET A 46 7.97 2.97 16.28
CA MET A 46 8.01 3.96 15.21
C MET A 46 7.91 3.23 13.87
N ILE A 47 7.10 3.74 12.96
CA ILE A 47 7.01 3.19 11.60
C ILE A 47 7.16 4.28 10.54
N GLY A 48 7.53 3.88 9.34
CA GLY A 48 7.74 4.78 8.22
C GLY A 48 6.64 4.64 7.18
N GLY A 49 6.32 5.77 6.56
CA GLY A 49 5.44 5.76 5.39
C GLY A 49 6.05 6.67 4.35
N ILE A 50 5.22 7.04 3.37
CA ILE A 50 5.67 7.87 2.27
C ILE A 50 6.04 9.29 2.74
N GLY A 51 5.38 9.79 3.79
CA GLY A 51 5.61 11.15 4.25
C GLY A 51 6.65 11.31 5.35
N GLY A 52 7.14 10.19 5.87
CA GLY A 52 8.06 10.18 6.99
C GLY A 52 7.64 9.18 8.04
N PHE A 53 8.09 9.40 9.27
CA PHE A 53 7.93 8.43 10.34
C PHE A 53 6.91 8.91 11.38
N ILE A 54 6.22 7.94 11.97
CA ILE A 54 5.26 8.23 13.04
C ILE A 54 5.46 7.28 14.22
N LYS A 55 4.95 7.70 15.36
CA LYS A 55 4.89 6.89 16.57
C LYS A 55 3.56 6.14 16.60
N VAL A 56 3.64 4.85 16.92
CA VAL A 56 2.43 4.05 17.05
C VAL A 56 2.47 3.25 18.36
N ARG A 57 1.31 2.74 18.75
CA ARG A 57 1.21 1.76 19.83
C ARG A 57 1.18 0.38 19.21
N GLN A 58 2.04 -0.53 19.65
CA GLN A 58 2.02 -1.87 19.10
C GLN A 58 1.32 -2.88 20.03
N TYR A 59 0.22 -3.43 19.53
CA TYR A 59 -0.49 -4.54 20.15
C TYR A 59 -0.23 -5.85 19.40
N ASP A 60 0.28 -6.86 20.10
CA ASP A 60 0.58 -8.14 19.48
C ASP A 60 -0.58 -9.12 19.68
N GLN A 61 -0.70 -10.07 18.76
CA GLN A 61 -1.56 -11.23 18.89
C GLN A 61 -3.02 -10.82 19.09
N ILE A 62 -3.44 -9.84 18.29
CA ILE A 62 -4.81 -9.32 18.31
C ILE A 62 -5.64 -10.06 17.27
N PRO A 63 -6.77 -10.67 17.67
CA PRO A 63 -7.59 -11.28 16.62
C PRO A 63 -8.31 -10.21 15.80
N VAL A 64 -8.36 -10.41 14.49
CA VAL A 64 -8.96 -9.50 13.53
C VAL A 64 -9.63 -10.39 12.50
N GLU A 65 -10.94 -10.19 12.30
CA GLU A 65 -11.64 -10.84 11.20
C GLU A 65 -11.74 -9.87 10.02
N ILE A 66 -11.32 -10.32 8.84
CA ILE A 66 -11.15 -9.46 7.68
C ILE A 66 -11.99 -10.05 6.56
N CYS A 67 -13.12 -9.41 6.26
CA CYS A 67 -13.95 -9.88 5.18
C CYS A 67 -14.30 -11.35 5.46
N GLY A 68 -14.60 -11.67 6.72
CA GLY A 68 -14.99 -13.01 7.11
C GLY A 68 -13.86 -14.00 7.36
N HIS A 69 -12.60 -13.61 7.17
CA HIS A 69 -11.46 -14.51 7.34
C HIS A 69 -10.69 -14.13 8.60
N LYS A 70 -10.34 -15.13 9.40
CA LYS A 70 -9.67 -14.88 10.67
C LYS A 70 -8.15 -14.73 10.58
N ALA A 71 -7.68 -13.68 11.25
CA ALA A 71 -6.26 -13.45 11.47
C ALA A 71 -6.08 -13.19 12.96
N ILE A 72 -4.87 -13.46 13.45
CA ILE A 72 -4.50 -13.08 14.82
C ILE A 72 -3.06 -12.64 14.72
N GLY A 73 -2.81 -11.38 15.01
CA GLY A 73 -1.46 -10.87 14.83
C GLY A 73 -1.34 -9.43 15.29
N THR A 74 -0.21 -8.83 14.91
CA THR A 74 0.14 -7.48 15.35
C THR A 74 -0.73 -6.40 14.67
N VAL A 75 -1.21 -5.50 15.52
CA VAL A 75 -1.98 -4.33 15.10
C VAL A 75 -1.32 -3.09 15.70
N LEU A 76 -0.99 -2.15 14.81
CA LEU A 76 -0.41 -0.88 15.23
C LEU A 76 -1.52 0.16 15.21
N VAL A 77 -1.51 1.04 16.20
CA VAL A 77 -2.53 2.07 16.28
C VAL A 77 -1.82 3.42 16.39
N GLY A 78 -2.12 4.32 15.47
CA GLY A 78 -1.62 5.68 15.55
C GLY A 78 -2.16 6.53 14.42
N PRO A 79 -1.53 7.68 14.15
CA PRO A 79 -2.06 8.68 13.20
C PRO A 79 -1.84 8.35 11.73
N THR A 80 -2.47 7.28 11.28
CA THR A 80 -2.53 6.91 9.88
C THR A 80 -3.74 7.60 9.28
N PRO A 81 -3.64 8.06 8.01
CA PRO A 81 -4.81 8.64 7.34
C PRO A 81 -5.98 7.70 7.07
N VAL A 82 -5.72 6.41 6.94
CA VAL A 82 -6.77 5.41 6.77
C VAL A 82 -6.38 4.10 7.49
N ASN A 83 -7.37 3.34 7.92
CA ASN A 83 -7.10 2.02 8.49
C ASN A 83 -6.52 1.13 7.40
N ILE A 84 -5.35 0.56 7.66
CA ILE A 84 -4.73 -0.34 6.69
C ILE A 84 -4.48 -1.75 7.24
N ILE A 85 -4.82 -2.72 6.41
CA ILE A 85 -4.49 -4.13 6.64
C ILE A 85 -3.24 -4.40 5.81
N GLY A 86 -2.13 -4.63 6.48
CA GLY A 86 -0.85 -4.86 5.81
C GLY A 86 -0.53 -6.32 5.66
N ARG A 87 0.64 -6.59 5.10
CA ARG A 87 1.02 -7.95 4.72
C ARG A 87 1.03 -8.91 5.90
N ASN A 88 1.34 -8.44 7.10
CA ASN A 88 1.33 -9.32 8.27
C ASN A 88 0.00 -10.08 8.46
N LEU A 89 -1.13 -9.48 8.14
CA LEU A 89 -2.43 -10.16 8.25
C LEU A 89 -2.96 -10.63 6.90
N LEU A 90 -2.61 -9.91 5.82
CA LEU A 90 -2.95 -10.38 4.47
C LEU A 90 -2.45 -11.80 4.20
N THR A 91 -1.22 -12.09 4.62
CA THR A 91 -0.68 -13.43 4.44
C THR A 91 -1.49 -14.44 5.23
N GLN A 92 -2.00 -14.08 6.41
CA GLN A 92 -2.74 -15.02 7.25
C GLN A 92 -4.06 -15.45 6.63
N ILE A 93 -4.70 -14.55 5.87
CA ILE A 93 -5.94 -14.85 5.20
C ILE A 93 -5.73 -15.41 3.80
N GLY A 94 -4.47 -15.62 3.41
CA GLY A 94 -4.15 -16.28 2.14
C GLY A 94 -4.33 -15.38 0.92
N CYS A 95 -4.05 -14.09 1.11
CA CYS A 95 -4.15 -13.09 0.06
C CYS A 95 -2.93 -13.10 -0.85
N THR A 96 -3.18 -13.12 -2.14
CA THR A 96 -2.15 -12.96 -3.17
C THR A 96 -2.56 -11.88 -4.17
N LEU A 97 -1.58 -11.39 -4.91
CA LEU A 97 -1.81 -10.51 -6.05
C LEU A 97 -1.65 -11.34 -7.31
N ASN A 98 -2.58 -11.14 -8.24
CA ASN A 98 -2.64 -11.91 -9.47
C ASN A 98 -2.92 -11.01 -10.67
N PHE A 99 -2.13 -11.18 -11.74
CA PHE A 99 -2.36 -10.46 -12.99
C PHE A 99 -1.80 -11.29 -14.16
N PRO B 1 1.19 -13.41 -13.57
CA PRO B 1 1.77 -14.15 -12.45
C PRO B 1 0.94 -14.03 -11.16
N GLN B 2 1.29 -14.82 -10.15
CA GLN B 2 0.68 -14.70 -8.83
C GLN B 2 1.81 -14.31 -7.89
N ILE B 3 1.59 -13.30 -7.06
CA ILE B 3 2.60 -12.75 -6.15
C ILE B 3 2.08 -12.99 -4.73
N THR B 4 2.78 -13.82 -3.96
CA THR B 4 2.48 -13.94 -2.54
C THR B 4 3.03 -12.74 -1.75
N LEU B 5 2.57 -12.60 -0.51
CA LEU B 5 2.82 -11.40 0.30
C LEU B 5 3.71 -11.62 1.53
N TRP B 6 4.41 -12.75 1.55
CA TRP B 6 5.41 -13.07 2.57
C TRP B 6 6.48 -11.98 2.59
N LYS B 7 6.83 -11.53 1.39
CA LYS B 7 7.77 -10.43 1.19
C LYS B 7 7.04 -9.27 0.50
N ARG B 8 7.59 -8.07 0.62
CA ARG B 8 7.21 -6.92 -0.20
C ARG B 8 7.10 -7.35 -1.66
N PRO B 9 5.97 -7.02 -2.32
CA PRO B 9 5.73 -7.46 -3.70
C PRO B 9 6.45 -6.55 -4.69
N LEU B 10 7.75 -6.73 -4.76
CA LEU B 10 8.64 -5.94 -5.60
C LEU B 10 8.78 -6.60 -6.96
N VAL B 11 8.55 -5.84 -8.03
CA VAL B 11 8.61 -6.37 -9.38
C VAL B 11 9.44 -5.43 -10.23
N THR B 12 9.90 -5.90 -11.39
CA THR B 12 10.62 -5.03 -12.32
C THR B 12 9.66 -4.26 -13.20
N ILE B 13 9.92 -2.96 -13.29
CA ILE B 13 9.20 -2.08 -14.20
C ILE B 13 10.18 -1.42 -15.16
N ARG B 14 9.64 -1.00 -16.30
CA ARG B 14 10.39 -0.20 -17.23
C ARG B 14 9.65 1.11 -17.45
N ILE B 15 10.36 2.20 -17.20
CA ILE B 15 9.81 3.53 -17.41
C ILE B 15 10.92 4.47 -17.87
N GLY B 16 10.60 5.27 -18.89
CA GLY B 16 11.49 6.30 -19.38
C GLY B 16 12.85 5.77 -19.83
N GLY B 17 12.83 4.56 -20.41
CA GLY B 17 14.06 3.84 -20.74
C GLY B 17 14.86 3.28 -19.58
N GLN B 18 14.31 3.30 -18.36
CA GLN B 18 14.99 2.72 -17.20
C GLN B 18 14.27 1.48 -16.68
N LEU B 19 15.04 0.47 -16.29
CA LEU B 19 14.52 -0.66 -15.54
C LEU B 19 14.67 -0.38 -14.05
N LYS B 20 13.59 -0.57 -13.31
CA LYS B 20 13.57 -0.33 -11.87
C LYS B 20 12.82 -1.43 -11.13
N GLU B 21 13.05 -1.53 -9.82
CA GLU B 21 12.16 -2.30 -8.97
C GLU B 21 11.13 -1.38 -8.34
N ALA B 22 9.88 -1.86 -8.28
CA ALA B 22 8.77 -1.06 -7.77
C ALA B 22 7.81 -1.94 -6.97
N LEU B 23 7.16 -1.34 -5.99
CA LEU B 23 6.31 -2.07 -5.04
C LEU B 23 4.88 -2.08 -5.58
N LEU B 24 4.27 -3.24 -5.79
CA LEU B 24 2.84 -3.27 -6.15
C LEU B 24 1.99 -2.93 -4.93
N ASP B 25 1.32 -1.78 -4.97
CA ASP B 25 0.69 -1.17 -3.80
C ASP B 25 -0.80 -0.92 -4.03
N THR B 26 -1.62 -1.87 -3.58
CA THR B 26 -3.08 -1.76 -3.66
C THR B 26 -3.65 -0.63 -2.79
N GLY B 27 -2.82 -0.14 -1.87
CA GLY B 27 -3.21 0.94 -0.98
C GLY B 27 -3.02 2.32 -1.59
N ALA B 28 -2.23 2.41 -2.66
CA ALA B 28 -1.90 3.65 -3.34
C ALA B 28 -2.89 3.93 -4.47
N ASP B 29 -3.57 5.08 -4.43
CA ASP B 29 -4.37 5.57 -5.57
C ASP B 29 -3.51 5.85 -6.79
N ASP B 30 -2.33 6.41 -6.54
CA ASP B 30 -1.37 6.89 -7.55
C ASP B 30 -0.06 6.08 -7.57
N THR B 31 0.71 6.32 -8.63
CA THR B 31 2.00 5.67 -8.86
C THR B 31 3.03 6.76 -8.56
N VAL B 32 3.99 6.47 -7.68
CA VAL B 32 4.95 7.48 -7.23
C VAL B 32 6.32 6.86 -7.40
N LEU B 33 7.19 7.58 -8.11
CA LEU B 33 8.50 7.05 -8.46
C LEU B 33 9.58 7.89 -7.81
N GLU B 34 10.69 7.24 -7.52
CA GLU B 34 11.84 7.89 -6.91
C GLU B 34 12.32 8.99 -7.86
N GLU B 35 12.95 10.01 -7.29
CA GLU B 35 13.41 11.15 -8.06
C GLU B 35 14.13 10.66 -9.31
N MET B 36 13.69 11.16 -10.47
CA MET B 36 14.25 10.79 -11.76
C MET B 36 13.96 11.92 -12.75
N ASN B 37 14.91 12.19 -13.63
CA ASN B 37 14.78 13.36 -14.50
C ASN B 37 14.06 13.05 -15.82
N LEU B 38 12.79 12.65 -15.73
CA LEU B 38 11.94 12.44 -16.90
C LEU B 38 11.78 13.72 -17.71
N PRO B 39 11.83 13.60 -19.04
CA PRO B 39 11.44 14.73 -19.88
C PRO B 39 9.93 14.89 -19.91
N GLY B 40 9.44 16.05 -20.30
CA GLY B 40 8.01 16.25 -20.45
C GLY B 40 7.52 17.36 -19.55
N LYS B 41 6.33 17.85 -19.84
CA LYS B 41 5.65 18.85 -19.02
C LYS B 41 5.19 18.15 -17.74
N TRP B 42 5.23 18.89 -16.63
CA TRP B 42 4.70 18.37 -15.39
C TRP B 42 3.99 19.50 -14.65
N LYS B 43 3.23 19.10 -13.64
CA LYS B 43 2.51 20.01 -12.76
C LYS B 43 2.83 19.60 -11.32
N PRO B 44 3.10 20.57 -10.42
CA PRO B 44 3.36 20.21 -9.02
C PRO B 44 2.13 19.63 -8.28
N LYS B 45 2.39 18.72 -7.35
CA LYS B 45 1.33 18.05 -6.60
C LYS B 45 1.86 17.70 -5.19
N MET B 46 0.96 17.55 -4.24
CA MET B 46 1.24 17.05 -2.90
C MET B 46 0.51 15.71 -2.72
N ILE B 47 1.18 14.67 -2.26
CA ILE B 47 0.47 13.44 -1.90
C ILE B 47 0.87 13.05 -0.48
N GLY B 48 -0.06 12.40 0.20
CA GLY B 48 0.12 12.05 1.59
C GLY B 48 0.01 10.56 1.83
N GLY B 49 0.46 10.20 3.02
CA GLY B 49 0.23 8.88 3.59
C GLY B 49 0.76 8.94 5.00
N ILE B 50 1.17 7.80 5.56
CA ILE B 50 1.71 7.77 6.91
C ILE B 50 2.93 8.70 6.94
N GLY B 51 2.95 9.59 7.93
CA GLY B 51 4.03 10.55 8.07
C GLY B 51 3.76 11.89 7.43
N GLY B 52 2.70 12.01 6.64
CA GLY B 52 2.29 13.29 6.08
C GLY B 52 2.45 13.33 4.57
N PHE B 53 2.83 14.51 4.08
CA PHE B 53 2.80 14.83 2.65
C PHE B 53 4.21 15.02 2.08
N ILE B 54 4.41 14.62 0.83
CA ILE B 54 5.60 14.99 0.08
C ILE B 54 5.19 15.71 -1.18
N LYS B 55 6.11 16.57 -1.60
CA LYS B 55 5.92 17.30 -2.84
C LYS B 55 6.44 16.43 -3.99
N VAL B 56 5.64 16.34 -5.06
CA VAL B 56 5.99 15.57 -6.25
C VAL B 56 5.68 16.29 -7.56
N ARG B 57 6.21 15.77 -8.66
CA ARG B 57 5.92 16.30 -9.99
C ARG B 57 5.02 15.32 -10.72
N GLN B 58 3.89 15.80 -11.21
CA GLN B 58 2.95 14.94 -11.91
C GLN B 58 3.19 14.95 -13.41
N TYR B 59 3.44 13.78 -13.99
CA TYR B 59 3.65 13.63 -15.44
C TYR B 59 2.48 12.79 -15.95
N ASP B 60 1.88 13.19 -17.06
CA ASP B 60 0.74 12.47 -17.63
C ASP B 60 1.17 11.63 -18.82
N GLN B 61 0.38 10.61 -19.09
CA GLN B 61 0.55 9.75 -20.25
C GLN B 61 1.95 9.20 -20.39
N ILE B 62 2.48 8.66 -19.30
CA ILE B 62 3.78 8.02 -19.32
C ILE B 62 3.61 6.50 -19.47
N PRO B 63 4.16 5.94 -20.57
CA PRO B 63 4.23 4.48 -20.70
C PRO B 63 5.13 3.87 -19.61
N VAL B 64 4.61 2.84 -18.94
CA VAL B 64 5.30 2.12 -17.88
C VAL B 64 5.03 0.64 -18.13
N GLU B 65 6.05 -0.19 -18.28
CA GLU B 65 5.84 -1.62 -18.36
C GLU B 65 6.14 -2.32 -17.02
N ILE B 66 5.20 -3.15 -16.58
CA ILE B 66 5.21 -3.77 -15.26
C ILE B 66 5.18 -5.28 -15.43
N CYS B 67 6.29 -5.93 -15.12
CA CYS B 67 6.45 -7.36 -15.39
C CYS B 67 6.06 -7.79 -16.79
N GLY B 68 6.42 -7.01 -17.82
CA GLY B 68 6.04 -7.34 -19.18
C GLY B 68 4.63 -6.92 -19.56
N HIS B 69 3.84 -6.40 -18.63
CA HIS B 69 2.50 -5.89 -18.96
C HIS B 69 2.55 -4.37 -19.14
N LYS B 70 2.18 -3.91 -20.33
CA LYS B 70 2.19 -2.50 -20.67
C LYS B 70 1.04 -1.73 -20.02
N ALA B 71 1.34 -0.47 -19.73
CA ALA B 71 0.41 0.45 -19.07
C ALA B 71 0.84 1.86 -19.49
N ILE B 72 -0.06 2.82 -19.34
CA ILE B 72 0.31 4.20 -19.65
C ILE B 72 -0.61 5.08 -18.80
N GLY B 73 -0.04 6.03 -18.07
CA GLY B 73 -0.87 6.90 -17.25
C GLY B 73 -0.02 7.86 -16.46
N THR B 74 -0.59 8.39 -15.39
CA THR B 74 0.07 9.44 -14.64
C THR B 74 1.11 8.85 -13.69
N VAL B 75 2.32 9.40 -13.73
CA VAL B 75 3.34 9.04 -12.75
C VAL B 75 3.77 10.28 -11.97
N LEU B 76 3.86 10.12 -10.66
CA LEU B 76 4.28 11.20 -9.78
C LEU B 76 5.75 10.94 -9.42
N VAL B 77 6.59 11.98 -9.52
CA VAL B 77 8.02 11.82 -9.25
C VAL B 77 8.41 12.73 -8.09
N GLY B 78 9.07 12.16 -7.10
CA GLY B 78 9.57 12.95 -5.98
C GLY B 78 10.29 12.06 -4.98
N PRO B 79 10.61 12.62 -3.80
CA PRO B 79 11.40 11.94 -2.77
C PRO B 79 10.57 10.91 -2.01
N THR B 80 10.03 9.93 -2.75
CA THR B 80 9.49 8.74 -2.11
C THR B 80 10.66 7.82 -1.74
N PRO B 81 10.60 7.17 -0.58
CA PRO B 81 11.63 6.14 -0.31
C PRO B 81 11.69 4.95 -1.27
N VAL B 82 10.59 4.67 -1.99
CA VAL B 82 10.45 3.45 -2.80
C VAL B 82 9.57 3.75 -4.02
N ASN B 83 9.80 3.05 -5.13
CA ASN B 83 8.96 3.21 -6.32
C ASN B 83 7.68 2.45 -6.02
N ILE B 84 6.55 3.13 -6.16
CA ILE B 84 5.24 2.59 -5.82
C ILE B 84 4.33 2.52 -7.04
N ILE B 85 3.82 1.33 -7.34
CA ILE B 85 2.80 1.15 -8.38
C ILE B 85 1.41 1.16 -7.74
N GLY B 86 0.65 2.20 -8.07
CA GLY B 86 -0.66 2.41 -7.47
C GLY B 86 -1.73 1.89 -8.40
N ARG B 87 -2.96 2.01 -7.93
CA ARG B 87 -4.12 1.41 -8.59
C ARG B 87 -4.33 1.94 -10.00
N ASN B 88 -3.91 3.18 -10.27
CA ASN B 88 -4.06 3.75 -11.63
C ASN B 88 -3.38 2.88 -12.71
N LEU B 89 -2.23 2.30 -12.41
CA LEU B 89 -1.55 1.37 -13.32
C LEU B 89 -1.91 -0.11 -13.03
N LEU B 90 -2.18 -0.47 -11.78
CA LEU B 90 -2.49 -1.87 -11.43
C LEU B 90 -3.75 -2.38 -12.13
N THR B 91 -4.72 -1.48 -12.31
CA THR B 91 -5.93 -1.81 -13.06
C THR B 91 -5.67 -2.06 -14.55
N GLN B 92 -4.70 -1.36 -15.14
CA GLN B 92 -4.38 -1.54 -16.55
C GLN B 92 -3.72 -2.89 -16.85
N ILE B 93 -2.99 -3.43 -15.89
CA ILE B 93 -2.31 -4.72 -16.06
C ILE B 93 -3.18 -5.89 -15.59
N GLY B 94 -4.39 -5.59 -15.16
CA GLY B 94 -5.37 -6.62 -14.80
C GLY B 94 -5.20 -7.18 -13.40
N CYS B 95 -4.61 -6.40 -12.51
CA CYS B 95 -4.22 -6.88 -11.19
C CYS B 95 -5.39 -6.96 -10.21
N THR B 96 -5.47 -8.11 -9.53
CA THR B 96 -6.51 -8.35 -8.55
C THR B 96 -5.91 -8.87 -7.23
N LEU B 97 -6.68 -8.68 -6.15
CA LEU B 97 -6.42 -9.32 -4.86
C LEU B 97 -7.30 -10.56 -4.77
N ASN B 98 -6.77 -11.63 -4.20
CA ASN B 98 -7.49 -12.88 -4.18
C ASN B 98 -7.28 -13.63 -2.87
N PHE B 99 -8.38 -13.97 -2.19
CA PHE B 99 -8.27 -14.81 -1.00
C PHE B 99 -9.54 -15.62 -0.75
N SER C 2 6.98 -1.64 9.95
CA SER C 2 8.24 -0.86 9.71
C SER C 2 8.03 0.05 8.51
N GLN C 3 7.79 -0.49 7.32
CA GLN C 3 7.51 0.36 6.14
C GLN C 3 6.10 0.18 5.57
N ASN C 4 5.35 1.27 5.50
CA ASN C 4 3.92 1.22 5.19
C ASN C 4 3.46 2.28 4.18
N TYR C 5 3.36 1.86 2.93
CA TYR C 5 2.96 2.71 1.81
C TYR C 5 1.55 2.35 1.35
#